data_5WWF
#
_entry.id   5WWF
#
_cell.length_a   49.351
_cell.length_b   38.301
_cell.length_c   107.931
_cell.angle_alpha   90.00
_cell.angle_beta   92.43
_cell.angle_gamma   90.00
#
_symmetry.space_group_name_H-M   'P 1 21 1'
#
loop_
_entity.id
_entity.type
_entity.pdbx_description
1 polymer 'Heterogeneous nuclear ribonucleoproteins A2/B1'
2 polymer RNA
3 water water
#
loop_
_entity_poly.entity_id
_entity_poly.type
_entity_poly.pdbx_seq_one_letter_code
_entity_poly.pdbx_strand_id
1 'polypeptide(L)'
;RKKREKEQFRKLFIGGLSFETTEESLRNYYEQWGKLTDCVVMRDPASKRSRGFGFVTFSSMAEVDAAMAARPHSIDGRVV
EPKRAVAREESGKPGAHVTVKKLFVGGIKEDTEEHHLRDYFEEYGKIDTIEIITDRQSGKKRGFGFVTFDDHDPVDKIVL
QKYHTINGHNAEVRKALSRQEMQE
;
A,C
2 'polyribonucleotide' AAGGACGAGC B,D
#
loop_
_chem_comp.id
_chem_comp.type
_chem_comp.name
_chem_comp.formula
A RNA linking ADENOSINE-5'-MONOPHOSPHATE 'C10 H14 N5 O7 P'
C RNA linking CYTIDINE-5'-MONOPHOSPHATE 'C9 H14 N3 O8 P'
G RNA linking GUANOSINE-5'-MONOPHOSPHATE 'C10 H14 N5 O8 P'
#
# COMPACT_ATOMS: atom_id res chain seq x y z
N GLU A 5 11.62 -16.24 0.20
CA GLU A 5 10.14 -16.34 0.20
C GLU A 5 9.69 -17.58 -0.62
N LYS A 6 9.59 -18.71 0.10
CA LYS A 6 8.85 -19.88 -0.36
C LYS A 6 7.41 -19.51 -0.81
N GLU A 7 6.96 -20.23 -1.84
CA GLU A 7 5.67 -20.06 -2.48
C GLU A 7 4.43 -19.98 -1.56
N GLN A 8 4.37 -20.81 -0.52
CA GLN A 8 3.23 -20.72 0.41
C GLN A 8 3.09 -19.35 1.15
N PHE A 9 4.14 -18.51 1.14
CA PHE A 9 4.09 -17.16 1.68
C PHE A 9 3.62 -16.11 0.70
N ARG A 10 3.40 -16.51 -0.54
CA ARG A 10 3.09 -15.63 -1.62
C ARG A 10 1.82 -16.04 -2.38
N LYS A 11 1.09 -17.02 -1.87
CA LYS A 11 0.00 -17.68 -2.58
C LYS A 11 -1.30 -17.38 -1.88
N LEU A 12 -2.32 -17.08 -2.68
CA LEU A 12 -3.64 -16.80 -2.22
C LEU A 12 -4.61 -17.86 -2.75
N PHE A 13 -5.48 -18.35 -1.88
CA PHE A 13 -6.74 -18.99 -2.30
C PHE A 13 -7.73 -17.90 -2.70
N ILE A 14 -8.46 -18.12 -3.81
CA ILE A 14 -9.51 -17.23 -4.29
C ILE A 14 -10.80 -18.04 -4.44
N GLY A 15 -11.78 -17.76 -3.58
CA GLY A 15 -13.06 -18.45 -3.56
C GLY A 15 -14.15 -17.57 -4.11
N GLY A 16 -15.30 -18.17 -4.41
CA GLY A 16 -16.49 -17.42 -4.80
C GLY A 16 -16.41 -16.88 -6.22
N LEU A 17 -15.58 -17.50 -7.07
CA LEU A 17 -15.35 -17.03 -8.45
C LEU A 17 -16.56 -17.24 -9.30
N SER A 18 -16.87 -16.30 -10.21
CA SER A 18 -17.84 -16.64 -11.27
C SER A 18 -17.46 -17.96 -11.97
N PHE A 19 -18.43 -18.77 -12.35
CA PHE A 19 -18.12 -19.97 -13.10
C PHE A 19 -17.58 -19.62 -14.53
N GLU A 20 -17.71 -18.37 -14.95
CA GLU A 20 -17.15 -17.84 -16.20
C GLU A 20 -15.67 -17.49 -16.08
N THR A 21 -15.19 -17.20 -14.87
CA THR A 21 -13.83 -16.81 -14.67
C THR A 21 -12.78 -17.88 -15.08
N THR A 22 -11.81 -17.42 -15.86
CA THR A 22 -10.75 -18.27 -16.41
C THR A 22 -9.47 -17.83 -15.80
N GLU A 23 -8.44 -18.62 -15.95
CA GLU A 23 -7.13 -18.26 -15.55
C GLU A 23 -6.68 -16.92 -16.09
N GLU A 24 -7.09 -16.63 -17.32
CA GLU A 24 -6.70 -15.43 -18.00
C GLU A 24 -7.24 -14.23 -17.25
N SER A 25 -8.54 -14.20 -16.99
CA SER A 25 -9.12 -13.00 -16.31
C SER A 25 -8.66 -12.90 -14.84
N LEU A 26 -8.36 -14.05 -14.22
CA LEU A 26 -7.81 -14.08 -12.86
C LEU A 26 -6.45 -13.46 -12.84
N ARG A 27 -5.61 -13.88 -13.79
CA ARG A 27 -4.30 -13.31 -13.97
C ARG A 27 -4.34 -11.78 -14.27
N ASN A 28 -5.05 -11.35 -15.32
N ASN A 28 -5.03 -11.29 -15.32
CA ASN A 28 -5.21 -9.93 -15.65
CA ASN A 28 -5.00 -9.83 -15.57
C ASN A 28 -5.56 -9.18 -14.38
C ASN A 28 -5.69 -9.02 -14.47
N TYR A 29 -6.63 -9.62 -13.74
CA TYR A 29 -7.06 -9.02 -12.52
C TYR A 29 -5.94 -8.81 -11.50
N TYR A 30 -5.28 -9.89 -11.11
CA TYR A 30 -4.35 -9.84 -9.96
C TYR A 30 -2.98 -9.25 -10.31
N GLU A 31 -2.65 -9.22 -11.60
CA GLU A 31 -1.45 -8.56 -12.08
C GLU A 31 -1.45 -7.06 -11.93
N GLN A 32 -2.57 -6.44 -11.57
CA GLN A 32 -2.44 -5.05 -11.16
C GLN A 32 -1.68 -4.79 -9.86
N TRP A 33 -1.42 -5.82 -9.05
CA TRP A 33 -0.61 -5.70 -7.88
C TRP A 33 0.76 -6.33 -8.02
N GLY A 34 1.05 -6.94 -9.17
CA GLY A 34 2.35 -7.55 -9.41
C GLY A 34 2.39 -8.69 -10.38
N LYS A 35 3.56 -9.31 -10.46
CA LYS A 35 3.83 -10.43 -11.33
C LYS A 35 3.33 -11.64 -10.63
N LEU A 36 2.64 -12.49 -11.36
CA LEU A 36 2.20 -13.77 -10.88
C LEU A 36 3.10 -14.86 -11.41
N THR A 37 3.55 -15.76 -10.54
CA THR A 37 4.40 -16.89 -10.94
C THR A 37 3.56 -18.13 -11.16
N ASP A 38 2.27 -18.08 -10.77
CA ASP A 38 1.36 -19.20 -10.96
C ASP A 38 -0.09 -18.71 -10.81
N CYS A 39 -0.99 -19.44 -11.44
CA CYS A 39 -2.39 -19.01 -11.49
C CYS A 39 -3.15 -20.24 -11.92
N VAL A 40 -4.17 -20.64 -11.18
CA VAL A 40 -5.04 -21.71 -11.64
C VAL A 40 -6.46 -21.46 -11.18
N VAL A 41 -7.43 -21.84 -12.01
CA VAL A 41 -8.85 -21.97 -11.70
C VAL A 41 -9.08 -23.48 -11.64
N MET A 42 -9.67 -23.95 -10.56
N MET A 42 -9.68 -23.93 -10.56
CA MET A 42 -9.84 -25.38 -10.38
CA MET A 42 -9.89 -25.34 -10.33
C MET A 42 -11.16 -25.81 -11.04
C MET A 42 -11.15 -25.80 -11.06
N ARG A 43 -11.08 -26.92 -11.76
CA ARG A 43 -12.15 -27.37 -12.65
CA ARG A 43 -12.23 -27.32 -12.55
C ARG A 43 -12.54 -28.79 -12.35
N ASP A 44 -13.81 -29.12 -12.60
CA ASP A 44 -14.28 -30.50 -12.42
C ASP A 44 -13.68 -31.36 -13.54
N PRO A 45 -13.03 -32.49 -13.19
CA PRO A 45 -12.41 -33.31 -14.28
C PRO A 45 -13.41 -33.81 -15.32
N ALA A 46 -14.57 -34.29 -14.88
CA ALA A 46 -15.61 -34.76 -15.82
C ALA A 46 -16.20 -33.63 -16.66
N SER A 47 -16.75 -32.60 -16.00
CA SER A 47 -17.58 -31.65 -16.74
C SER A 47 -16.80 -30.51 -17.29
N LYS A 48 -15.56 -30.35 -16.78
CA LYS A 48 -14.66 -29.20 -17.13
C LYS A 48 -15.14 -27.86 -16.58
N ARG A 49 -16.18 -27.89 -15.78
CA ARG A 49 -16.75 -26.66 -15.26
C ARG A 49 -15.91 -26.20 -14.08
N SER A 50 -15.85 -24.89 -13.91
CA SER A 50 -15.13 -24.27 -12.78
C SER A 50 -15.73 -24.77 -11.50
N ARG A 51 -14.90 -25.08 -10.53
CA ARG A 51 -15.35 -25.44 -9.21
C ARG A 51 -15.63 -24.20 -8.34
N GLY A 52 -15.39 -23.00 -8.84
CA GLY A 52 -15.70 -21.77 -8.09
C GLY A 52 -14.55 -21.21 -7.26
N PHE A 53 -13.38 -21.82 -7.33
CA PHE A 53 -12.24 -21.35 -6.61
C PHE A 53 -10.95 -21.57 -7.40
N GLY A 54 -9.91 -20.85 -7.02
CA GLY A 54 -8.60 -21.03 -7.64
C GLY A 54 -7.51 -20.52 -6.75
N PHE A 55 -6.31 -20.39 -7.31
CA PHE A 55 -5.15 -19.92 -6.58
C PHE A 55 -4.36 -18.97 -7.44
N VAL A 56 -3.75 -17.95 -6.82
CA VAL A 56 -2.78 -17.09 -7.50
C VAL A 56 -1.56 -17.00 -6.62
N THR A 57 -0.40 -16.97 -7.24
CA THR A 57 0.86 -16.79 -6.52
C THR A 57 1.67 -15.62 -7.06
N PHE A 58 2.00 -14.67 -6.21
CA PHE A 58 2.85 -13.55 -6.58
C PHE A 58 4.34 -13.87 -6.43
N SER A 59 5.20 -13.09 -7.09
CA SER A 59 6.64 -13.25 -6.99
C SER A 59 7.26 -12.80 -5.63
N SER A 60 6.56 -11.95 -4.90
CA SER A 60 7.05 -11.45 -3.61
C SER A 60 5.89 -11.29 -2.63
N MET A 61 6.19 -11.48 -1.34
CA MET A 61 5.15 -11.33 -0.30
C MET A 61 4.67 -9.89 -0.24
N ALA A 62 5.54 -8.94 -0.58
CA ALA A 62 5.11 -7.55 -0.82
C ALA A 62 3.85 -7.43 -1.69
N GLU A 63 3.85 -8.10 -2.83
CA GLU A 63 2.74 -8.05 -3.77
C GLU A 63 1.44 -8.68 -3.24
N VAL A 64 1.55 -9.78 -2.49
CA VAL A 64 0.35 -10.35 -1.85
C VAL A 64 -0.25 -9.32 -0.90
N ASP A 65 0.60 -8.69 -0.09
CA ASP A 65 0.11 -7.74 0.90
C ASP A 65 -0.54 -6.56 0.20
N ALA A 66 -0.02 -6.15 -0.94
CA ALA A 66 -0.61 -4.99 -1.62
C ALA A 66 -1.95 -5.39 -2.17
N ALA A 67 -2.05 -6.61 -2.70
CA ALA A 67 -3.36 -7.13 -3.20
C ALA A 67 -4.43 -7.23 -2.11
N MET A 68 -4.03 -7.79 -0.96
CA MET A 68 -4.99 -7.97 0.14
C MET A 68 -5.30 -6.66 0.87
N ALA A 69 -4.38 -5.70 0.94
CA ALA A 69 -4.78 -4.33 1.39
C ALA A 69 -5.70 -3.69 0.40
N ALA A 70 -5.49 -4.03 -0.86
CA ALA A 70 -6.33 -3.49 -1.93
C ALA A 70 -7.70 -4.08 -2.10
N ARG A 71 -8.27 -4.74 -1.09
CA ARG A 71 -9.60 -5.38 -1.18
C ARG A 71 -10.71 -4.33 -1.13
N PRO A 72 -11.97 -4.67 -1.43
CA PRO A 72 -12.40 -5.94 -1.99
C PRO A 72 -12.03 -6.09 -3.48
N HIS A 73 -12.18 -7.33 -3.98
CA HIS A 73 -11.80 -7.70 -5.30
C HIS A 73 -13.02 -8.16 -6.03
N SER A 74 -13.31 -7.54 -7.19
CA SER A 74 -14.36 -8.01 -8.10
C SER A 74 -13.81 -8.41 -9.48
N ILE A 75 -14.33 -9.53 -9.95
CA ILE A 75 -13.87 -10.23 -11.13
C ILE A 75 -15.12 -10.80 -11.73
N ASP A 76 -15.36 -10.49 -13.02
CA ASP A 76 -16.49 -11.02 -13.78
C ASP A 76 -17.84 -10.82 -13.08
N GLY A 77 -17.99 -9.67 -12.44
CA GLY A 77 -19.25 -9.23 -11.79
C GLY A 77 -19.48 -9.80 -10.40
N ARG A 78 -18.44 -10.37 -9.77
CA ARG A 78 -18.60 -10.97 -8.41
C ARG A 78 -17.52 -10.47 -7.51
N VAL A 79 -17.85 -10.21 -6.25
CA VAL A 79 -16.85 -9.93 -5.28
C VAL A 79 -16.29 -11.30 -4.89
N VAL A 80 -15.00 -11.49 -5.07
CA VAL A 80 -14.42 -12.79 -4.81
C VAL A 80 -13.88 -12.76 -3.38
N GLU A 81 -13.34 -13.90 -2.91
CA GLU A 81 -13.07 -14.14 -1.49
C GLU A 81 -11.64 -14.65 -1.34
N PRO A 82 -10.69 -13.75 -1.38
CA PRO A 82 -9.33 -14.16 -1.29
C PRO A 82 -8.87 -14.40 0.11
N LYS A 83 -7.93 -15.32 0.27
CA LYS A 83 -7.32 -15.64 1.54
C LYS A 83 -5.98 -16.23 1.29
N ARG A 84 -5.06 -15.98 2.20
CA ARG A 84 -3.72 -16.59 2.09
C ARG A 84 -3.82 -18.09 2.15
N ALA A 85 -3.11 -18.71 1.22
CA ALA A 85 -3.09 -20.13 1.10
C ALA A 85 -2.42 -20.79 2.27
N VAL A 86 -3.19 -21.59 2.97
CA VAL A 86 -2.64 -22.44 4.00
C VAL A 86 -1.79 -23.54 3.34
N ALA A 87 -0.60 -23.81 3.89
CA ALA A 87 0.28 -24.86 3.38
C ALA A 87 -0.47 -26.18 3.22
N ARG A 88 -0.26 -26.87 2.11
CA ARG A 88 -0.86 -28.19 1.89
C ARG A 88 -0.62 -29.20 3.04
N GLU A 89 0.63 -29.25 3.49
CA GLU A 89 1.07 -30.00 4.66
C GLU A 89 0.14 -29.82 5.86
N GLU A 90 -0.48 -28.64 6.00
CA GLU A 90 -1.41 -28.34 7.11
C GLU A 90 -2.86 -28.81 6.93
N SER A 91 -3.29 -29.15 5.71
CA SER A 91 -4.66 -29.66 5.50
C SER A 91 -4.97 -30.82 6.42
N GLY A 92 -6.19 -30.83 6.95
CA GLY A 92 -6.60 -31.88 7.87
C GLY A 92 -6.30 -31.59 9.34
N LYS A 93 -5.42 -30.61 9.61
CA LYS A 93 -5.16 -30.19 11.00
C LYS A 93 -6.32 -29.35 11.54
N PRO A 94 -6.58 -29.45 12.87
CA PRO A 94 -7.68 -28.70 13.48
C PRO A 94 -7.53 -27.17 13.35
N GLY A 95 -8.58 -26.53 12.82
CA GLY A 95 -8.55 -25.10 12.55
C GLY A 95 -7.65 -24.66 11.41
N ALA A 96 -7.26 -25.58 10.54
CA ALA A 96 -6.30 -25.31 9.46
C ALA A 96 -6.86 -24.25 8.51
N HIS A 97 -8.12 -24.43 8.13
CA HIS A 97 -8.79 -23.56 7.21
C HIS A 97 -9.81 -22.62 7.86
N VAL A 98 -9.71 -22.41 9.14
CA VAL A 98 -10.57 -21.49 9.84
C VAL A 98 -10.30 -20.03 9.40
N THR A 99 -11.30 -19.19 9.35
CA THR A 99 -11.16 -17.81 8.97
C THR A 99 -11.68 -17.02 10.13
N VAL A 100 -10.80 -16.31 10.85
CA VAL A 100 -11.24 -15.54 12.04
C VAL A 100 -10.54 -14.24 12.17
N LYS A 101 -11.13 -13.32 12.90
CA LYS A 101 -10.62 -11.97 13.09
C LYS A 101 -9.76 -11.84 14.37
N LYS A 102 -9.62 -12.95 15.09
CA LYS A 102 -9.09 -12.98 16.45
C LYS A 102 -7.87 -13.87 16.59
N LEU A 103 -6.84 -13.33 17.22
CA LEU A 103 -5.58 -14.01 17.34
C LEU A 103 -5.33 -14.40 18.80
N PHE A 104 -4.95 -15.65 19.05
CA PHE A 104 -4.45 -16.11 20.34
C PHE A 104 -2.92 -15.83 20.36
N VAL A 105 -2.40 -15.32 21.47
CA VAL A 105 -0.95 -15.05 21.67
C VAL A 105 -0.56 -15.61 23.04
N GLY A 106 0.32 -16.59 23.11
CA GLY A 106 0.69 -17.23 24.35
C GLY A 106 2.16 -17.07 24.62
N GLY A 107 2.56 -17.22 25.89
CA GLY A 107 3.99 -17.08 26.26
C GLY A 107 4.34 -15.63 26.60
N ILE A 108 3.36 -14.75 26.80
CA ILE A 108 3.62 -13.34 27.16
C ILE A 108 3.89 -13.05 28.66
N LYS A 109 3.76 -14.07 29.51
CA LYS A 109 4.08 -13.98 30.94
C LYS A 109 3.27 -12.89 31.68
N GLU A 110 3.80 -12.36 32.77
CA GLU A 110 3.03 -11.47 33.62
C GLU A 110 3.42 -10.03 33.52
N ASP A 111 4.36 -9.71 32.66
CA ASP A 111 4.79 -8.29 32.49
C ASP A 111 4.28 -7.68 31.20
N THR A 112 3.56 -8.45 30.37
CA THR A 112 3.10 -7.93 29.09
C THR A 112 1.70 -7.30 29.21
N GLU A 113 1.50 -6.17 28.55
CA GLU A 113 0.30 -5.32 28.68
C GLU A 113 -0.35 -5.06 27.31
N GLU A 114 -1.54 -4.48 27.30
CA GLU A 114 -2.19 -4.17 26.07
C GLU A 114 -1.29 -3.44 25.14
N HIS A 115 -0.61 -2.40 25.63
CA HIS A 115 0.18 -1.56 24.73
C HIS A 115 1.33 -2.29 24.05
N HIS A 116 1.94 -3.23 24.76
CA HIS A 116 2.98 -4.06 24.19
C HIS A 116 2.42 -4.76 22.94
N LEU A 117 1.26 -5.37 23.05
CA LEU A 117 0.64 -6.04 21.89
C LEU A 117 0.19 -5.06 20.81
N ARG A 118 -0.38 -3.92 21.23
CA ARG A 118 -0.83 -2.91 20.27
C ARG A 118 0.37 -2.41 19.46
N ASP A 119 1.45 -2.11 20.18
CA ASP A 119 2.67 -1.67 19.48
C ASP A 119 3.18 -2.69 18.47
N TYR A 120 3.12 -3.96 18.81
CA TYR A 120 3.73 -4.94 17.93
C TYR A 120 2.80 -5.27 16.78
N PHE A 121 1.51 -5.42 17.05
CA PHE A 121 0.60 -5.95 16.05
C PHE A 121 -0.05 -4.93 15.15
N GLU A 122 0.03 -3.66 15.46
CA GLU A 122 -0.75 -2.69 14.72
C GLU A 122 -0.35 -2.50 13.27
N GLU A 123 0.89 -2.78 12.90
CA GLU A 123 1.18 -2.57 11.50
C GLU A 123 0.72 -3.75 10.65
N TYR A 124 0.22 -4.82 11.28
CA TYR A 124 -0.47 -5.89 10.52
C TYR A 124 -1.89 -5.52 10.15
N GLY A 125 -2.50 -4.56 10.85
CA GLY A 125 -3.90 -4.25 10.57
C GLY A 125 -4.56 -3.52 11.70
N LYS A 126 -5.78 -3.12 11.44
CA LYS A 126 -6.61 -2.39 12.35
C LYS A 126 -7.09 -3.29 13.49
N ILE A 127 -6.68 -2.91 14.70
CA ILE A 127 -7.03 -3.60 15.95
C ILE A 127 -8.31 -3.00 16.53
N ASP A 128 -9.30 -3.86 16.80
CA ASP A 128 -10.52 -3.42 17.50
C ASP A 128 -10.37 -3.52 18.99
N THR A 129 -9.84 -4.63 19.48
CA THR A 129 -9.68 -4.89 20.90
C THR A 129 -8.50 -5.79 21.19
N ILE A 130 -7.92 -5.59 22.36
CA ILE A 130 -6.85 -6.41 22.93
C ILE A 130 -7.29 -6.86 24.33
N GLU A 131 -7.19 -8.14 24.61
CA GLU A 131 -7.62 -8.69 25.86
C GLU A 131 -6.44 -9.45 26.40
N ILE A 132 -5.90 -8.96 27.52
CA ILE A 132 -4.90 -9.62 28.29
C ILE A 132 -5.59 -10.40 29.41
N ILE A 133 -5.40 -11.72 29.40
CA ILE A 133 -6.22 -12.55 30.25
C ILE A 133 -5.67 -12.67 31.68
N THR A 134 -6.54 -12.49 32.66
CA THR A 134 -6.18 -12.57 34.06
C THR A 134 -7.01 -13.65 34.76
N ASP A 135 -6.49 -14.12 35.87
CA ASP A 135 -7.18 -15.04 36.70
C ASP A 135 -8.38 -14.28 37.33
N ARG A 136 -9.54 -14.89 37.27
CA ARG A 136 -10.77 -14.33 37.82
C ARG A 136 -10.74 -14.14 39.35
N GLN A 137 -9.85 -14.85 40.06
CA GLN A 137 -9.79 -14.88 41.54
C GLN A 137 -8.67 -14.05 42.15
N SER A 138 -7.46 -14.20 41.58
CA SER A 138 -6.32 -13.44 41.98
C SER A 138 -6.16 -12.11 41.26
N GLY A 139 -6.74 -11.97 40.07
CA GLY A 139 -6.32 -10.91 39.16
C GLY A 139 -4.90 -11.00 38.54
N LYS A 140 -4.14 -12.05 38.82
CA LYS A 140 -2.83 -12.30 38.18
C LYS A 140 -2.94 -12.55 36.63
N LYS A 141 -1.99 -12.03 35.87
CA LYS A 141 -1.95 -12.25 34.40
C LYS A 141 -1.66 -13.68 34.11
N ARG A 142 -2.46 -14.28 33.23
CA ARG A 142 -2.29 -15.71 33.01
C ARG A 142 -1.23 -16.07 31.97
N GLY A 143 -0.60 -15.08 31.31
CA GLY A 143 0.46 -15.38 30.35
C GLY A 143 -0.02 -15.56 28.90
N PHE A 144 -1.22 -15.06 28.58
CA PHE A 144 -1.76 -15.13 27.24
C PHE A 144 -2.85 -14.06 27.06
N GLY A 145 -3.17 -13.81 25.80
CA GLY A 145 -4.05 -12.71 25.42
C GLY A 145 -4.62 -12.98 24.04
N PHE A 146 -5.55 -12.14 23.62
CA PHE A 146 -6.18 -12.28 22.37
C PHE A 146 -6.12 -10.91 21.75
N VAL A 147 -5.91 -10.84 20.44
CA VAL A 147 -5.97 -9.57 19.71
C VAL A 147 -7.05 -9.75 18.65
N THR A 148 -7.98 -8.82 18.55
CA THR A 148 -9.07 -8.88 17.58
C THR A 148 -8.88 -7.72 16.62
N PHE A 149 -8.74 -8.07 15.35
CA PHE A 149 -8.57 -7.15 14.26
C PHE A 149 -9.94 -6.91 13.61
N ASP A 150 -10.06 -5.89 12.78
CA ASP A 150 -11.32 -5.69 12.03
C ASP A 150 -11.48 -6.63 10.83
N ASP A 151 -10.48 -7.45 10.52
CA ASP A 151 -10.51 -8.35 9.37
C ASP A 151 -9.67 -9.61 9.62
N HIS A 152 -9.96 -10.65 8.88
CA HIS A 152 -9.29 -11.92 9.06
C HIS A 152 -7.86 -11.97 8.56
N ASP A 153 -7.50 -11.10 7.61
CA ASP A 153 -6.24 -11.22 6.90
C ASP A 153 -5.01 -10.93 7.76
N PRO A 154 -5.08 -9.92 8.68
CA PRO A 154 -3.94 -9.77 9.61
C PRO A 154 -3.69 -11.04 10.38
N VAL A 155 -4.75 -11.74 10.77
CA VAL A 155 -4.56 -12.98 11.52
C VAL A 155 -3.87 -13.98 10.62
N ASP A 156 -4.39 -14.13 9.41
CA ASP A 156 -3.84 -15.10 8.44
C ASP A 156 -2.41 -14.78 8.13
N LYS A 157 -2.12 -13.52 7.95
CA LYS A 157 -0.76 -13.09 7.76
C LYS A 157 0.09 -13.36 8.98
N ILE A 158 -0.36 -13.01 10.18
CA ILE A 158 0.47 -13.16 11.38
C ILE A 158 0.92 -14.62 11.61
N VAL A 159 0.03 -15.57 11.45
CA VAL A 159 0.34 -16.95 11.81
C VAL A 159 1.20 -17.74 10.82
N LEU A 160 1.76 -17.08 9.82
CA LEU A 160 2.68 -17.73 8.89
C LEU A 160 4.04 -17.74 9.54
N GLN A 161 4.18 -16.87 10.53
CA GLN A 161 5.24 -16.94 11.49
C GLN A 161 4.67 -17.37 12.85
N LYS A 162 5.15 -18.51 13.31
CA LYS A 162 4.70 -19.09 14.56
C LYS A 162 5.18 -18.32 15.81
N TYR A 163 6.41 -17.82 15.83
CA TYR A 163 6.95 -17.10 17.00
C TYR A 163 7.18 -15.66 16.70
N HIS A 164 6.82 -14.83 17.67
CA HIS A 164 6.96 -13.38 17.56
C HIS A 164 7.62 -12.85 18.82
N THR A 165 8.57 -11.96 18.63
CA THR A 165 9.33 -11.36 19.74
C THR A 165 8.51 -10.16 20.21
N ILE A 166 7.86 -10.31 21.37
CA ILE A 166 7.03 -9.26 21.94
C ILE A 166 7.39 -9.05 23.41
N ASN A 167 7.80 -7.81 23.73
CA ASN A 167 8.19 -7.43 25.11
C ASN A 167 9.17 -8.42 25.71
N GLY A 168 10.18 -8.80 24.95
CA GLY A 168 11.28 -9.66 25.42
C GLY A 168 10.98 -11.15 25.44
N HIS A 169 9.82 -11.56 24.93
CA HIS A 169 9.37 -12.95 25.01
C HIS A 169 9.22 -13.50 23.59
N ASN A 170 9.47 -14.79 23.45
CA ASN A 170 9.25 -15.38 22.18
C ASN A 170 7.84 -15.99 22.28
N ALA A 171 6.85 -15.17 21.94
CA ALA A 171 5.41 -15.52 21.94
C ALA A 171 5.01 -16.42 20.76
N GLU A 172 4.06 -17.34 20.98
CA GLU A 172 3.50 -18.15 19.91
C GLU A 172 2.17 -17.56 19.60
N VAL A 173 1.82 -17.50 18.34
CA VAL A 173 0.53 -16.94 17.94
C VAL A 173 -0.27 -18.07 17.32
N ARG A 174 -1.58 -18.03 17.46
CA ARG A 174 -2.43 -19.00 16.76
C ARG A 174 -3.73 -18.34 16.44
N LYS A 175 -4.46 -18.92 15.49
N LYS A 175 -4.47 -18.90 15.49
CA LYS A 175 -5.81 -18.48 15.21
CA LYS A 175 -5.81 -18.40 15.20
C LYS A 175 -6.66 -18.79 16.42
C LYS A 175 -6.68 -18.78 16.38
N ALA A 176 -7.42 -17.81 16.88
CA ALA A 176 -8.27 -18.02 18.01
C ALA A 176 -9.45 -18.92 17.67
N LEU A 177 -9.55 -20.00 18.39
CA LEU A 177 -10.60 -20.97 18.25
C LEU A 177 -11.63 -20.76 19.32
N SER A 178 -12.80 -21.29 19.10
CA SER A 178 -13.90 -21.17 20.04
C SER A 178 -13.68 -21.97 21.31
N ARG A 179 -14.28 -21.51 22.38
CA ARG A 179 -14.12 -22.12 23.71
C ARG A 179 -14.32 -23.63 23.97
N GLN A 180 -15.33 -24.37 23.50
CA GLN A 180 -16.50 -24.08 22.70
C GLN A 180 -16.65 -24.92 21.45
N GLU A 181 -15.66 -25.71 20.99
CA GLU A 181 -14.35 -25.98 21.57
C GLU A 181 -13.25 -26.11 20.53
N MET A 182 -11.98 -26.26 20.89
CA MET A 182 -11.34 -26.18 22.25
C MET A 182 -11.83 -27.08 23.39
N LYS C 6 -3.27 26.30 1.67
CA LYS C 6 -3.61 26.57 0.22
C LYS C 6 -3.90 25.29 -0.52
N GLU C 7 -4.90 25.32 -1.41
CA GLU C 7 -5.52 24.11 -1.94
C GLU C 7 -4.58 23.27 -2.75
N GLN C 8 -3.78 23.90 -3.59
CA GLN C 8 -2.86 23.14 -4.43
C GLN C 8 -1.71 22.39 -3.69
N PHE C 9 -1.52 22.64 -2.40
CA PHE C 9 -0.61 21.85 -1.57
C PHE C 9 -1.33 20.70 -0.85
N ARG C 10 -2.62 20.57 -1.05
CA ARG C 10 -3.46 19.61 -0.34
C ARG C 10 -4.27 18.74 -1.27
N LYS C 11 -4.00 18.81 -2.57
CA LYS C 11 -4.90 18.28 -3.59
C LYS C 11 -4.26 17.15 -4.41
N LEU C 12 -5.07 16.15 -4.74
CA LEU C 12 -4.61 15.01 -5.56
C LEU C 12 -5.45 14.85 -6.81
N PHE C 13 -4.78 14.71 -7.94
CA PHE C 13 -5.37 14.15 -9.14
C PHE C 13 -5.39 12.63 -8.94
N ILE C 14 -6.51 11.98 -9.22
CA ILE C 14 -6.61 10.54 -9.11
C ILE C 14 -6.97 10.01 -10.49
N GLY C 15 -6.02 9.37 -11.19
CA GLY C 15 -6.28 8.76 -12.52
C GLY C 15 -6.56 7.26 -12.46
N GLY C 16 -7.15 6.71 -13.50
CA GLY C 16 -7.32 5.27 -13.66
C GLY C 16 -8.48 4.74 -12.90
N LEU C 17 -9.46 5.61 -12.69
CA LEU C 17 -10.55 5.29 -11.81
C LEU C 17 -11.39 4.34 -12.59
N SER C 18 -11.92 3.34 -11.89
CA SER C 18 -13.01 2.49 -12.39
C SER C 18 -14.21 3.36 -12.69
N PHE C 19 -14.95 3.03 -13.73
CA PHE C 19 -16.17 3.78 -14.08
C PHE C 19 -17.30 3.60 -13.08
N GLU C 20 -17.20 2.63 -12.18
CA GLU C 20 -18.18 2.52 -11.08
C GLU C 20 -17.91 3.54 -10.00
N THR C 21 -16.69 4.09 -9.95
CA THR C 21 -16.29 4.87 -8.81
C THR C 21 -17.05 6.22 -8.81
N THR C 22 -17.68 6.52 -7.68
CA THR C 22 -18.47 7.74 -7.48
C THR C 22 -17.71 8.64 -6.49
N GLU C 23 -18.15 9.92 -6.39
CA GLU C 23 -17.72 10.84 -5.29
C GLU C 23 -17.76 10.17 -3.94
N GLU C 24 -18.85 9.45 -3.69
CA GLU C 24 -19.05 8.82 -2.38
C GLU C 24 -17.99 7.75 -2.10
N SER C 25 -17.72 6.87 -3.07
CA SER C 25 -16.70 5.80 -2.82
C SER C 25 -15.29 6.38 -2.83
N LEU C 26 -15.06 7.37 -3.69
CA LEU C 26 -13.76 8.08 -3.72
C LEU C 26 -13.48 8.77 -2.38
N ARG C 27 -14.48 9.42 -1.81
CA ARG C 27 -14.40 10.07 -0.48
C ARG C 27 -14.25 9.03 0.63
N ASN C 28 -15.08 8.00 0.64
CA ASN C 28 -14.93 6.92 1.62
C ASN C 28 -13.47 6.45 1.67
N TYR C 29 -12.94 6.08 0.51
CA TYR C 29 -11.57 5.61 0.44
C TYR C 29 -10.50 6.59 1.00
N TYR C 30 -10.50 7.85 0.56
CA TYR C 30 -9.43 8.79 0.99
C TYR C 30 -9.52 9.32 2.43
N GLU C 31 -10.73 9.33 2.99
CA GLU C 31 -10.97 9.71 4.40
C GLU C 31 -10.37 8.78 5.48
N GLN C 32 -9.80 7.66 5.08
CA GLN C 32 -9.02 6.89 6.00
C GLN C 32 -7.66 7.56 6.32
N TRP C 33 -7.33 8.66 5.63
CA TRP C 33 -6.10 9.40 5.91
C TRP C 33 -6.32 10.81 6.42
N GLY C 34 -7.56 11.23 6.58
CA GLY C 34 -7.84 12.57 7.10
C GLY C 34 -9.10 13.17 6.55
N LYS C 35 -9.28 14.46 6.82
CA LYS C 35 -10.53 15.14 6.46
C LYS C 35 -10.43 15.73 5.06
N LEU C 36 -11.45 15.46 4.26
CA LEU C 36 -11.54 15.91 2.88
C LEU C 36 -12.33 17.22 2.83
N THR C 37 -11.78 18.23 2.17
CA THR C 37 -12.45 19.51 2.00
C THR C 37 -13.08 19.61 0.61
N ASP C 38 -12.83 18.64 -0.27
CA ASP C 38 -13.42 18.61 -1.62
C ASP C 38 -13.14 17.23 -2.26
N CYS C 39 -14.02 16.80 -3.15
CA CYS C 39 -13.82 15.53 -3.83
C CYS C 39 -14.70 15.59 -5.02
N VAL C 40 -14.21 15.11 -6.17
CA VAL C 40 -14.98 15.18 -7.41
C VAL C 40 -14.55 14.12 -8.38
N VAL C 41 -15.53 13.54 -9.07
CA VAL C 41 -15.29 12.64 -10.18
C VAL C 41 -15.79 13.35 -11.41
N MET C 42 -14.89 13.55 -12.37
N MET C 42 -14.87 13.59 -12.33
CA MET C 42 -15.16 14.29 -13.58
CA MET C 42 -15.16 14.24 -13.59
C MET C 42 -15.86 13.43 -14.63
C MET C 42 -16.01 13.37 -14.48
N ARG C 43 -16.91 14.01 -15.22
CA ARG C 43 -17.91 13.29 -16.01
CA ARG C 43 -17.87 13.27 -16.04
C ARG C 43 -18.08 13.97 -17.39
N ASP C 44 -18.33 13.18 -18.43
CA ASP C 44 -18.56 13.73 -19.78
C ASP C 44 -19.87 14.50 -19.72
N PRO C 45 -19.89 15.77 -20.16
CA PRO C 45 -21.15 16.53 -20.08
C PRO C 45 -22.35 15.78 -20.70
N ALA C 46 -22.18 15.38 -21.97
CA ALA C 46 -23.22 14.72 -22.77
C ALA C 46 -23.61 13.36 -22.24
N SER C 47 -22.66 12.43 -22.26
CA SER C 47 -22.93 11.04 -21.89
C SER C 47 -23.28 10.86 -20.42
N LYS C 48 -22.82 11.80 -19.57
CA LYS C 48 -23.04 11.79 -18.11
C LYS C 48 -22.55 10.46 -17.53
N ARG C 49 -21.24 10.40 -17.38
CA ARG C 49 -20.50 9.14 -17.24
C ARG C 49 -19.03 9.50 -16.89
N SER C 50 -18.41 8.69 -16.02
CA SER C 50 -17.07 8.97 -15.53
C SER C 50 -16.02 9.06 -16.62
N ARG C 51 -15.21 10.14 -16.61
CA ARG C 51 -14.04 10.25 -17.48
C ARG C 51 -12.86 9.43 -16.94
N GLY C 52 -13.03 8.76 -15.81
CA GLY C 52 -12.00 7.90 -15.24
C GLY C 52 -10.89 8.64 -14.49
N PHE C 53 -11.11 9.90 -14.10
CA PHE C 53 -10.22 10.60 -13.17
C PHE C 53 -11.02 11.56 -12.34
N GLY C 54 -10.37 12.06 -11.30
CA GLY C 54 -11.00 12.99 -10.39
C GLY C 54 -9.97 13.63 -9.48
N PHE C 55 -10.45 14.37 -8.49
CA PHE C 55 -9.58 15.01 -7.51
C PHE C 55 -10.14 14.83 -6.11
N VAL C 56 -9.25 14.75 -5.11
CA VAL C 56 -9.61 14.84 -3.71
C VAL C 56 -8.68 15.85 -3.09
N THR C 57 -9.20 16.58 -2.10
CA THR C 57 -8.48 17.66 -1.43
C THR C 57 -8.56 17.40 0.07
N PHE C 58 -7.42 17.34 0.73
CA PHE C 58 -7.37 17.11 2.18
C PHE C 58 -7.35 18.48 2.89
N SER C 59 -7.46 18.47 4.22
CA SER C 59 -7.40 19.70 5.02
C SER C 59 -5.99 20.16 5.23
N SER C 60 -5.03 19.23 5.32
CA SER C 60 -3.62 19.59 5.41
C SER C 60 -2.77 18.77 4.48
N MET C 61 -1.58 19.27 4.22
CA MET C 61 -0.60 18.56 3.45
C MET C 61 -0.11 17.28 4.14
N ALA C 62 -0.09 17.26 5.48
CA ALA C 62 0.39 16.07 6.21
C ALA C 62 -0.52 14.86 5.96
N GLU C 63 -1.82 15.10 5.77
CA GLU C 63 -2.81 14.06 5.41
C GLU C 63 -2.55 13.53 3.98
N VAL C 64 -2.26 14.44 3.04
CA VAL C 64 -1.86 14.05 1.70
C VAL C 64 -0.67 13.08 1.80
N ASP C 65 0.37 13.51 2.52
CA ASP C 65 1.64 12.77 2.67
C ASP C 65 1.40 11.38 3.18
N ALA C 66 0.58 11.29 4.21
CA ALA C 66 0.15 10.01 4.77
C ALA C 66 -0.51 9.17 3.71
N ALA C 67 -1.40 9.77 2.92
CA ALA C 67 -2.12 9.04 1.88
C ALA C 67 -1.14 8.47 0.89
N MET C 68 -0.14 9.28 0.52
CA MET C 68 0.76 8.93 -0.55
C MET C 68 1.84 7.95 -0.13
N ALA C 69 2.32 8.09 1.10
CA ALA C 69 3.22 7.10 1.68
C ALA C 69 2.57 5.71 1.87
N ALA C 70 1.24 5.60 1.71
CA ALA C 70 0.52 4.33 1.81
C ALA C 70 0.00 3.79 0.47
N ARG C 71 0.69 4.11 -0.61
CA ARG C 71 0.40 3.55 -1.94
C ARG C 71 0.82 2.08 -2.00
N PRO C 72 0.45 1.32 -3.03
CA PRO C 72 -0.55 1.72 -4.04
C PRO C 72 -1.95 1.85 -3.44
N HIS C 73 -2.75 2.73 -4.06
CA HIS C 73 -4.13 2.90 -3.73
C HIS C 73 -5.01 2.08 -4.70
N SER C 74 -6.07 1.49 -4.18
CA SER C 74 -7.03 0.83 -5.03
C SER C 74 -8.44 1.06 -4.50
N ILE C 75 -9.37 1.22 -5.43
CA ILE C 75 -10.72 1.68 -5.14
C ILE C 75 -11.65 0.96 -6.07
N ASP C 76 -12.79 0.48 -5.56
CA ASP C 76 -13.73 -0.35 -6.34
C ASP C 76 -13.03 -1.44 -7.18
N GLY C 77 -12.01 -2.08 -6.63
CA GLY C 77 -11.29 -3.18 -7.28
C GLY C 77 -10.17 -2.84 -8.26
N ARG C 78 -9.99 -1.55 -8.57
CA ARG C 78 -8.98 -1.08 -9.52
C ARG C 78 -7.91 -0.33 -8.76
N VAL C 79 -6.66 -0.59 -9.12
CA VAL C 79 -5.52 0.20 -8.74
C VAL C 79 -5.57 1.52 -9.51
N VAL C 80 -5.51 2.62 -8.78
CA VAL C 80 -5.69 3.95 -9.34
C VAL C 80 -4.33 4.60 -9.32
N GLU C 81 -4.22 5.81 -9.89
CA GLU C 81 -2.93 6.48 -10.08
C GLU C 81 -2.99 7.90 -9.49
N PRO C 82 -2.63 8.03 -8.21
CA PRO C 82 -2.73 9.27 -7.50
C PRO C 82 -1.52 10.17 -7.77
N LYS C 83 -1.72 11.44 -8.15
CA LYS C 83 -0.60 12.42 -8.26
C LYS C 83 -0.99 13.72 -7.59
N ARG C 84 0.01 14.36 -7.01
CA ARG C 84 -0.18 15.70 -6.47
C ARG C 84 -0.63 16.59 -7.63
N ALA C 85 -1.64 17.39 -7.37
CA ALA C 85 -2.26 18.19 -8.45
C ALA C 85 -1.39 19.37 -8.83
N VAL C 86 -1.09 19.46 -10.11
CA VAL C 86 -0.43 20.63 -10.61
C VAL C 86 -1.49 21.69 -10.81
N ALA C 87 -1.19 22.92 -10.40
CA ALA C 87 -2.19 24.03 -10.43
C ALA C 87 -2.71 24.27 -11.84
N ARG C 88 -4.00 24.58 -11.97
CA ARG C 88 -4.56 25.09 -13.22
C ARG C 88 -3.66 26.09 -13.95
N GLU C 89 -2.96 26.91 -13.16
CA GLU C 89 -2.14 27.99 -13.70
C GLU C 89 -0.87 27.49 -14.39
N GLU C 90 -0.25 26.42 -13.87
CA GLU C 90 0.84 25.73 -14.57
C GLU C 90 0.43 24.80 -15.74
N SER C 91 -0.86 24.62 -16.04
CA SER C 91 -1.28 23.70 -17.14
C SER C 91 -0.82 24.16 -18.50
N GLY C 92 -0.24 23.22 -19.24
CA GLY C 92 0.29 23.55 -20.54
C GLY C 92 1.55 24.40 -20.44
N LYS C 93 2.19 24.41 -19.26
CA LYS C 93 3.57 24.86 -19.18
C LYS C 93 4.48 23.64 -19.46
N PRO C 94 5.79 23.88 -19.74
CA PRO C 94 6.78 22.81 -19.97
C PRO C 94 6.86 21.77 -18.87
N GLY C 95 6.45 20.54 -19.18
CA GLY C 95 6.54 19.43 -18.24
C GLY C 95 5.71 19.58 -16.97
N ALA C 96 4.65 20.39 -17.05
CA ALA C 96 3.74 20.55 -15.94
C ALA C 96 3.29 19.18 -15.44
N HIS C 97 2.82 18.33 -16.35
CA HIS C 97 2.24 17.02 -15.95
C HIS C 97 3.15 15.80 -16.12
N VAL C 98 4.47 16.00 -16.20
CA VAL C 98 5.39 14.87 -16.30
C VAL C 98 5.47 14.13 -14.98
N THR C 99 5.76 12.85 -15.08
CA THR C 99 5.95 11.97 -13.93
C THR C 99 7.35 11.35 -14.03
N VAL C 100 8.23 11.75 -13.10
CA VAL C 100 9.64 11.35 -13.13
C VAL C 100 10.19 11.24 -11.70
N LYS C 101 11.17 10.38 -11.53
CA LYS C 101 11.76 10.09 -10.25
C LYS C 101 13.02 10.96 -9.97
N LYS C 102 13.44 11.71 -10.99
CA LYS C 102 14.67 12.47 -10.97
C LYS C 102 14.47 13.99 -10.88
N LEU C 103 15.24 14.62 -10.02
CA LEU C 103 15.10 16.04 -9.69
C LEU C 103 16.38 16.76 -10.08
N PHE C 104 16.20 17.92 -10.74
CA PHE C 104 17.25 18.89 -10.97
C PHE C 104 17.32 19.84 -9.76
N VAL C 105 18.51 20.04 -9.21
CA VAL C 105 18.76 21.06 -8.21
C VAL C 105 19.85 21.99 -8.77
N GLY C 106 19.52 23.27 -8.99
CA GLY C 106 20.53 24.28 -9.40
C GLY C 106 20.75 25.41 -8.37
N GLY C 107 21.87 26.12 -8.48
CA GLY C 107 22.16 27.29 -7.61
C GLY C 107 22.86 26.85 -6.32
N ILE C 108 23.62 25.75 -6.38
CA ILE C 108 24.35 25.26 -5.22
C ILE C 108 25.87 25.59 -5.24
N LYS C 109 26.34 26.24 -6.32
CA LYS C 109 27.71 26.80 -6.42
C LYS C 109 28.79 25.75 -6.16
N GLU C 110 30.02 26.19 -5.99
CA GLU C 110 31.17 25.29 -5.89
C GLU C 110 31.30 24.52 -4.55
N ASP C 111 30.64 25.01 -3.49
CA ASP C 111 30.84 24.49 -2.13
C ASP C 111 29.90 23.33 -1.62
N THR C 112 28.83 23.04 -2.37
CA THR C 112 27.83 22.04 -1.93
C THR C 112 28.27 20.61 -2.36
N GLU C 113 28.04 19.67 -1.46
CA GLU C 113 28.60 18.33 -1.49
C GLU C 113 27.43 17.38 -1.54
N GLU C 114 27.77 16.13 -1.83
CA GLU C 114 26.79 15.08 -1.98
C GLU C 114 25.96 14.93 -0.72
N HIS C 115 26.62 14.94 0.44
CA HIS C 115 25.93 14.75 1.73
C HIS C 115 24.98 15.91 2.06
N HIS C 116 25.28 17.12 1.60
CA HIS C 116 24.40 18.28 1.83
C HIS C 116 23.00 18.04 1.18
N LEU C 117 22.98 17.53 -0.06
CA LEU C 117 21.72 17.17 -0.73
C LEU C 117 21.04 15.94 -0.11
N ARG C 118 21.80 14.92 0.28
CA ARG C 118 21.22 13.72 0.89
C ARG C 118 20.51 14.09 2.19
N ASP C 119 21.23 14.83 3.05
CA ASP C 119 20.71 15.29 4.33
C ASP C 119 19.48 16.16 4.10
N TYR C 120 19.58 17.14 3.20
CA TYR C 120 18.39 17.94 2.85
C TYR C 120 17.20 17.11 2.29
N PHE C 121 17.42 16.29 1.27
CA PHE C 121 16.30 15.59 0.60
C PHE C 121 15.81 14.26 1.14
N GLU C 122 16.56 13.59 1.99
CA GLU C 122 16.18 12.22 2.33
C GLU C 122 14.86 12.07 3.12
N GLU C 123 14.41 13.10 3.83
CA GLU C 123 13.05 12.98 4.45
C GLU C 123 11.87 13.13 3.46
N TYR C 124 12.13 13.58 2.23
CA TYR C 124 11.12 13.56 1.17
C TYR C 124 10.86 12.19 0.60
N GLY C 125 11.87 11.33 0.59
CA GLY C 125 11.69 9.93 0.23
C GLY C 125 13.01 9.17 0.21
N LYS C 126 12.92 7.86 -0.05
CA LYS C 126 14.09 7.02 -0.36
C LYS C 126 14.85 7.49 -1.60
N ILE C 127 16.12 7.84 -1.41
CA ILE C 127 16.98 8.31 -2.48
C ILE C 127 17.77 7.12 -3.03
N ASP C 128 17.77 6.96 -4.35
CA ASP C 128 18.59 5.93 -5.02
C ASP C 128 19.96 6.47 -5.41
N THR C 129 20.01 7.63 -6.05
CA THR C 129 21.28 8.19 -6.52
C THR C 129 21.33 9.72 -6.40
N ILE C 130 22.48 10.20 -5.92
CA ILE C 130 22.81 11.60 -5.93
C ILE C 130 23.96 11.71 -6.86
N GLU C 131 23.87 12.64 -7.79
CA GLU C 131 24.95 12.94 -8.71
C GLU C 131 25.19 14.45 -8.75
N ILE C 132 26.23 14.91 -8.04
CA ILE C 132 26.76 16.30 -8.15
C ILE C 132 27.64 16.39 -9.38
N ILE C 133 27.40 17.39 -10.21
CA ILE C 133 28.10 17.57 -11.48
C ILE C 133 29.36 18.40 -11.21
N THR C 134 30.51 17.91 -11.69
CA THR C 134 31.78 18.68 -11.67
C THR C 134 32.12 19.16 -13.11
N ASP C 135 32.70 20.35 -13.21
CA ASP C 135 33.10 20.87 -14.52
C ASP C 135 34.28 20.01 -14.92
N ARG C 136 34.26 19.46 -16.13
CA ARG C 136 35.43 18.69 -16.63
C ARG C 136 36.60 19.62 -16.97
N GLN C 137 36.28 20.85 -17.39
CA GLN C 137 37.31 21.86 -17.71
C GLN C 137 38.03 22.44 -16.47
N SER C 138 37.34 22.55 -15.33
CA SER C 138 37.92 23.17 -14.12
C SER C 138 38.29 22.19 -13.00
N GLY C 139 37.60 21.04 -12.91
CA GLY C 139 37.68 20.18 -11.71
C GLY C 139 36.85 20.64 -10.51
N LYS C 140 36.33 21.87 -10.55
CA LYS C 140 35.45 22.38 -9.49
C LYS C 140 33.99 22.02 -9.80
N LYS C 141 33.18 21.95 -8.75
CA LYS C 141 31.75 21.66 -8.89
C LYS C 141 31.06 22.71 -9.77
N ARG C 142 30.04 22.29 -10.51
CA ARG C 142 29.37 23.25 -11.44
C ARG C 142 28.18 24.02 -10.87
N GLY C 143 27.75 23.69 -9.66
CA GLY C 143 26.64 24.37 -9.03
C GLY C 143 25.24 23.86 -9.38
N PHE C 144 25.18 22.63 -9.84
CA PHE C 144 23.93 21.92 -9.89
C PHE C 144 24.21 20.43 -9.71
N GLY C 145 23.13 19.68 -9.48
CA GLY C 145 23.19 18.23 -9.34
C GLY C 145 21.83 17.59 -9.54
N PHE C 146 21.79 16.25 -9.50
CA PHE C 146 20.55 15.53 -9.68
C PHE C 146 20.32 14.58 -8.52
N VAL C 147 19.07 14.51 -8.04
CA VAL C 147 18.72 13.53 -7.05
C VAL C 147 17.68 12.64 -7.68
N THR C 148 17.90 11.33 -7.60
CA THR C 148 16.96 10.37 -8.15
C THR C 148 16.36 9.63 -6.96
N PHE C 149 15.04 9.64 -6.87
CA PHE C 149 14.31 8.88 -5.87
C PHE C 149 13.83 7.55 -6.43
N ASP C 150 13.33 6.68 -5.55
CA ASP C 150 12.75 5.44 -6.02
C ASP C 150 11.29 5.57 -6.43
N ASP C 151 10.73 6.77 -6.30
CA ASP C 151 9.35 7.06 -6.67
C ASP C 151 9.25 8.49 -7.21
N HIS C 152 8.20 8.74 -7.99
CA HIS C 152 7.92 10.08 -8.51
C HIS C 152 7.40 11.08 -7.43
N ASP C 153 6.70 10.58 -6.42
CA ASP C 153 5.97 11.48 -5.56
C ASP C 153 6.84 12.46 -4.79
N PRO C 154 8.01 12.00 -4.28
CA PRO C 154 8.92 13.00 -3.66
C PRO C 154 9.26 14.12 -4.61
N VAL C 155 9.48 13.82 -5.89
CA VAL C 155 9.74 14.85 -6.91
C VAL C 155 8.60 15.86 -7.03
N ASP C 156 7.37 15.35 -7.20
CA ASP C 156 6.18 16.18 -7.29
C ASP C 156 6.03 17.07 -6.06
N LYS C 157 6.19 16.50 -4.87
CA LYS C 157 6.15 17.27 -3.60
C LYS C 157 7.20 18.37 -3.56
N ILE C 158 8.42 18.07 -3.99
CA ILE C 158 9.52 19.01 -3.86
C ILE C 158 9.28 20.24 -4.78
N VAL C 159 8.81 20.02 -5.99
CA VAL C 159 8.66 21.14 -6.95
C VAL C 159 7.45 22.05 -6.68
N LEU C 160 6.56 21.67 -5.78
CA LEU C 160 5.56 22.60 -5.26
C LEU C 160 6.20 23.84 -4.61
N GLN C 161 7.32 23.68 -3.94
CA GLN C 161 8.08 24.79 -3.44
C GLN C 161 9.27 25.03 -4.33
N LYS C 162 9.30 26.19 -4.98
CA LYS C 162 10.29 26.51 -6.02
C LYS C 162 11.72 26.56 -5.50
N TYR C 163 11.89 27.16 -4.31
CA TYR C 163 13.20 27.47 -3.74
C TYR C 163 13.44 26.69 -2.47
N HIS C 164 14.67 26.22 -2.29
CA HIS C 164 15.05 25.34 -1.15
C HIS C 164 16.39 25.79 -0.57
N THR C 165 16.48 25.84 0.78
CA THR C 165 17.67 26.32 1.40
C THR C 165 18.56 25.14 1.68
N ILE C 166 19.66 25.06 0.94
CA ILE C 166 20.57 23.92 1.07
C ILE C 166 21.99 24.45 1.11
N ASN C 167 22.69 24.18 2.22
CA ASN C 167 24.04 24.67 2.44
C ASN C 167 24.12 26.19 2.23
N GLY C 168 23.17 26.92 2.79
CA GLY C 168 23.21 28.37 2.73
C GLY C 168 22.80 29.04 1.44
N HIS C 169 22.26 28.27 0.48
CA HIS C 169 21.87 28.81 -0.84
C HIS C 169 20.37 28.65 -1.04
N ASN C 170 19.77 29.59 -1.79
CA ASN C 170 18.45 29.38 -2.36
C ASN C 170 18.60 28.53 -3.63
N ALA C 171 18.60 27.22 -3.48
CA ALA C 171 18.62 26.33 -4.64
C ALA C 171 17.23 26.37 -5.31
N GLU C 172 17.18 26.26 -6.64
CA GLU C 172 15.90 26.02 -7.34
C GLU C 172 15.79 24.57 -7.67
N VAL C 173 14.59 24.03 -7.55
CA VAL C 173 14.28 22.66 -7.96
C VAL C 173 13.43 22.61 -9.22
N ARG C 174 13.59 21.53 -9.95
CA ARG C 174 12.86 21.31 -11.18
C ARG C 174 12.79 19.80 -11.45
N LYS C 175 11.75 19.36 -12.15
N LYS C 175 11.76 19.37 -12.17
CA LYS C 175 11.69 18.03 -12.69
CA LYS C 175 11.69 18.03 -12.67
C LYS C 175 12.82 17.88 -13.71
C LYS C 175 12.80 17.86 -13.72
N ALA C 176 13.58 16.79 -13.60
CA ALA C 176 14.71 16.54 -14.48
C ALA C 176 14.12 16.13 -15.83
N LEU C 177 14.57 16.80 -16.88
CA LEU C 177 14.30 16.40 -18.26
C LEU C 177 15.51 15.57 -18.79
N SER C 178 15.21 14.42 -19.41
CA SER C 178 16.21 13.51 -19.98
C SER C 178 16.59 14.03 -21.37
N ARG C 179 17.66 14.84 -21.44
CA ARG C 179 17.96 15.70 -22.63
C ARG C 179 17.98 14.99 -24.02
N GLN C 180 17.43 15.63 -25.07
CA GLN C 180 16.86 16.99 -25.08
C GLN C 180 15.37 16.98 -24.68
N GLU C 181 15.12 17.18 -23.38
CA GLU C 181 13.82 16.95 -22.76
C GLU C 181 13.14 15.61 -23.09
#